data_6L15
#
_entry.id   6L15
#
_cell.length_a   97.477
_cell.length_b   97.477
_cell.length_c   81.697
_cell.angle_alpha   90.000
_cell.angle_beta   90.000
_cell.angle_gamma   120.000
#
_symmetry.space_group_name_H-M   'P 65'
#
loop_
_entity.id
_entity.type
_entity.pdbx_description
1 polymer 'Serine/threonine-protein kinase pim-1'
2 non-polymer 7-chloranyl-5-[3-[(3~{S})-piperidin-3-yl]propyl]pyrido[3,4-b][1,4]benzoxazine
3 water water
#
_entity_poly.entity_id   1
_entity_poly.type   'polypeptide(L)'
_entity_poly.pdbx_seq_one_letter_code
;GPHMKEKEPLESQYQVGPLLGSGGFGSVYSGIRVSDNLPVAIKHVEKDRISDWGELPNGTRVPMEVVLLKKVSSGFSGVI
RLLDWFERPDSFVLILERPEPVQDLFDFITERGALQEELARSFFWQVLEAVRHCHNCGVLHRDIKDENILIDLNRGELKL
IDFGSGALLKDTVYTDFDGTRVYSPPEWIRYHRYHGRSAAVWSLGILLYDMVCGDIPFEHDEEIIRGQVFFRQRVS
(SEP)ECQHLIRWCLALRPSDRPTFEEIQNHPWMQDVLLPQETAEIHLHSLSPGPSK
;
_entity_poly.pdbx_strand_id   A
#
loop_
_chem_comp.id
_chem_comp.type
_chem_comp.name
_chem_comp.formula
E2O non-polymer 7-chloranyl-5-[3-[(3~{S})-piperidin-3-yl]propyl]pyrido[3,4-b][1,4]benzoxazine 'C19 H22 Cl N3 O'
#
# COMPACT_ATOMS: atom_id res chain seq x y z
N PRO A 9 9.96 -14.93 25.11
CA PRO A 9 9.02 -16.03 25.00
C PRO A 9 8.50 -16.30 23.57
N LEU A 10 9.07 -15.64 22.56
CA LEU A 10 8.51 -15.60 21.18
C LEU A 10 8.20 -16.95 20.52
N GLU A 11 9.09 -17.92 20.63
CA GLU A 11 8.91 -19.21 19.96
C GLU A 11 7.81 -20.05 20.59
N SER A 12 7.54 -19.87 21.89
CA SER A 12 6.41 -20.56 22.53
C SER A 12 5.05 -19.87 22.24
N GLN A 13 5.06 -18.55 22.10
CA GLN A 13 3.84 -17.73 22.01
C GLN A 13 3.13 -17.74 20.64
N TYR A 14 3.88 -18.07 19.58
CA TYR A 14 3.38 -18.15 18.20
C TYR A 14 3.86 -19.46 17.58
N GLN A 15 3.10 -19.96 16.61
CA GLN A 15 3.44 -21.18 15.90
C GLN A 15 3.66 -20.96 14.39
N VAL A 16 4.89 -21.21 13.95
CA VAL A 16 5.34 -20.83 12.63
C VAL A 16 4.82 -21.80 11.56
N GLY A 17 4.39 -21.25 10.43
CA GLY A 17 3.94 -22.03 9.30
C GLY A 17 4.80 -21.70 8.09
N PRO A 18 4.22 -21.88 6.88
CA PRO A 18 4.92 -21.61 5.62
C PRO A 18 5.39 -20.17 5.47
N LEU A 19 6.50 -20.00 4.77
CA LEU A 19 6.95 -18.70 4.30
C LEU A 19 5.92 -18.13 3.33
N LEU A 20 5.43 -16.91 3.60
CA LEU A 20 4.51 -16.26 2.71
C LEU A 20 5.24 -15.54 1.60
N GLY A 21 6.40 -14.96 1.89
CA GLY A 21 7.18 -14.34 0.82
C GLY A 21 8.45 -13.71 1.36
N SER A 22 9.30 -13.23 0.46
CA SER A 22 10.48 -12.51 0.87
C SER A 22 10.93 -11.57 -0.22
N GLY A 23 11.71 -10.58 0.18
CA GLY A 23 12.20 -9.58 -0.77
C GLY A 23 12.92 -8.51 -0.01
N GLY A 24 12.85 -7.28 -0.55
CA GLY A 24 13.41 -6.08 0.12
C GLY A 24 12.98 -5.94 1.58
N PHE A 25 11.70 -6.15 1.85
CA PHE A 25 11.16 -6.18 3.21
C PHE A 25 11.64 -7.22 4.24
N GLY A 26 12.37 -8.27 3.82
CA GLY A 26 12.74 -9.39 4.71
C GLY A 26 11.95 -10.65 4.37
N SER A 27 11.57 -11.42 5.38
CA SER A 27 10.88 -12.68 5.14
C SER A 27 9.67 -12.69 6.02
N VAL A 28 8.55 -13.14 5.47
CA VAL A 28 7.30 -13.08 6.16
C VAL A 28 6.67 -14.45 6.14
N TYR A 29 6.32 -14.97 7.34
CA TYR A 29 5.79 -16.31 7.50
C TYR A 29 4.36 -16.30 8.00
N SER A 30 3.64 -17.36 7.65
CA SER A 30 2.31 -17.55 8.16
C SER A 30 2.49 -18.06 9.54
N GLY A 31 1.58 -17.66 10.42
CA GLY A 31 1.70 -17.94 11.86
C GLY A 31 0.35 -18.10 12.55
N ILE A 32 0.40 -18.64 13.76
CA ILE A 32 -0.77 -18.72 14.62
C ILE A 32 -0.32 -18.24 15.99
N ARG A 33 -1.14 -17.40 16.64
CA ARG A 33 -0.94 -17.10 18.06
C ARG A 33 -1.53 -18.27 18.82
N VAL A 34 -0.72 -18.95 19.65
CA VAL A 34 -1.20 -20.14 20.38
C VAL A 34 -2.19 -19.75 21.49
N SER A 35 -1.90 -18.64 22.17
CA SER A 35 -2.84 -17.95 23.07
C SER A 35 -4.28 -17.98 22.52
N ASP A 36 -4.59 -17.14 21.52
CA ASP A 36 -5.96 -16.96 20.98
C ASP A 36 -6.35 -17.92 19.83
N ASN A 37 -5.41 -18.69 19.27
CA ASN A 37 -5.53 -19.26 17.87
C ASN A 37 -5.56 -18.27 16.66
N LEU A 38 -5.23 -17.01 16.92
CA LEU A 38 -5.39 -15.96 15.94
C LEU A 38 -4.42 -16.12 14.79
N PRO A 39 -4.89 -16.00 13.52
CA PRO A 39 -3.94 -16.07 12.44
C PRO A 39 -3.12 -14.78 12.41
N VAL A 40 -1.81 -14.92 12.23
CA VAL A 40 -0.90 -13.80 12.20
C VAL A 40 0.11 -13.99 11.08
N ALA A 41 0.87 -12.94 10.80
CA ALA A 41 2.01 -12.96 9.90
C ALA A 41 3.22 -12.57 10.71
N ILE A 42 4.37 -13.17 10.42
CA ILE A 42 5.57 -12.97 11.21
C ILE A 42 6.67 -12.45 10.28
N LYS A 43 7.08 -11.19 10.48
CA LYS A 43 8.01 -10.50 9.59
C LYS A 43 9.38 -10.40 10.22
N HIS A 44 10.40 -10.93 9.57
CA HIS A 44 11.76 -10.87 10.08
C HIS A 44 12.51 -9.85 9.26
N VAL A 45 13.15 -8.91 9.95
CA VAL A 45 13.91 -7.85 9.32
C VAL A 45 15.32 -7.86 9.87
N GLU A 46 16.31 -8.05 9.00
CA GLU A 46 17.71 -8.03 9.41
C GLU A 46 18.16 -6.60 9.75
N LYS A 47 18.76 -6.43 10.94
CA LYS A 47 19.29 -5.14 11.39
C LYS A 47 20.28 -4.50 10.41
N ASP A 48 21.14 -5.30 9.78
CA ASP A 48 22.05 -4.79 8.75
C ASP A 48 21.27 -4.04 7.71
N ARG A 49 20.14 -4.58 7.28
CA ARG A 49 19.43 -4.04 6.12
C ARG A 49 18.29 -3.06 6.47
N ILE A 50 18.39 -2.38 7.61
CA ILE A 50 17.51 -1.26 7.96
C ILE A 50 18.23 0.06 7.69
N SER A 51 17.79 0.78 6.65
CA SER A 51 18.26 2.14 6.38
C SER A 51 17.90 3.10 7.50
N ASP A 52 16.61 3.12 7.89
CA ASP A 52 16.03 4.16 8.76
C ASP A 52 15.38 3.68 10.07
N TRP A 53 15.94 4.15 11.19
CA TRP A 53 15.51 3.80 12.56
C TRP A 53 14.72 4.92 13.28
N GLY A 54 13.97 4.56 14.32
CA GLY A 54 13.12 5.51 15.08
C GLY A 54 13.26 5.23 16.57
N GLU A 55 12.49 5.92 17.44
CA GLU A 55 12.62 5.73 18.91
C GLU A 55 11.29 5.79 19.68
N LEU A 56 11.27 5.17 20.85
CA LEU A 56 10.12 5.20 21.79
C LEU A 56 10.63 5.51 23.22
N THR A 60 14.83 3.48 23.40
CA THR A 60 14.50 2.23 22.71
C THR A 60 14.57 2.44 21.18
N ARG A 61 15.66 1.99 20.56
CA ARG A 61 15.91 2.21 19.12
C ARG A 61 15.35 1.07 18.23
N VAL A 62 14.35 1.40 17.40
CA VAL A 62 13.54 0.42 16.62
C VAL A 62 13.51 0.74 15.09
N PRO A 63 13.13 -0.25 14.25
CA PRO A 63 12.87 0.12 12.85
C PRO A 63 11.67 1.06 12.72
N MET A 64 11.74 1.93 11.71
CA MET A 64 10.71 2.93 11.52
C MET A 64 9.36 2.25 11.40
N GLU A 65 9.29 1.14 10.69
CA GLU A 65 8.02 0.44 10.55
C GLU A 65 7.27 0.29 11.87
N VAL A 66 8.00 0.01 12.96
CA VAL A 66 7.41 -0.17 14.28
C VAL A 66 6.84 1.12 14.80
N VAL A 67 7.61 2.22 14.72
CA VAL A 67 7.06 3.53 15.07
C VAL A 67 5.77 3.86 14.30
N LEU A 68 5.84 3.71 12.98
CA LEU A 68 4.75 4.12 12.09
C LEU A 68 3.50 3.29 12.36
N LEU A 69 3.70 1.98 12.51
CA LEU A 69 2.58 1.10 12.74
C LEU A 69 1.89 1.34 14.07
N LYS A 70 2.61 1.81 15.09
CA LYS A 70 1.99 2.07 16.40
C LYS A 70 1.17 3.31 16.27
N LYS A 71 1.68 4.29 15.51
CA LYS A 71 0.92 5.52 15.24
C LYS A 71 -0.42 5.28 14.55
N VAL A 72 -0.50 4.26 13.69
CA VAL A 72 -1.74 3.94 12.97
C VAL A 72 -2.58 2.80 13.55
N SER A 73 -2.04 2.00 14.47
CA SER A 73 -2.72 0.74 14.90
C SER A 73 -3.84 0.95 15.94
N SER A 74 -3.90 2.16 16.49
CA SER A 74 -5.02 2.59 17.29
C SER A 74 -6.24 2.59 16.39
N GLY A 75 -7.34 2.01 16.87
CA GLY A 75 -8.60 1.95 16.09
C GLY A 75 -8.63 0.89 15.01
N PHE A 76 -9.79 0.77 14.37
CA PHE A 76 -9.97 -0.10 13.20
C PHE A 76 -9.49 0.62 11.94
N SER A 77 -9.15 -0.14 10.91
CA SER A 77 -8.70 0.47 9.68
C SER A 77 -8.46 -0.49 8.52
N GLY A 78 -8.16 0.12 7.37
CA GLY A 78 -7.56 -0.56 6.25
C GLY A 78 -6.04 -0.61 6.31
N VAL A 79 -5.43 -0.69 7.49
CA VAL A 79 -4.02 -1.00 7.57
C VAL A 79 -3.86 -2.23 8.47
N ILE A 80 -2.88 -3.06 8.14
CA ILE A 80 -2.58 -4.22 8.94
C ILE A 80 -1.91 -3.78 10.23
N ARG A 81 -2.44 -4.28 11.34
CA ARG A 81 -2.05 -3.90 12.70
C ARG A 81 -0.79 -4.62 13.13
N LEU A 82 0.06 -3.87 13.82
CA LEU A 82 1.15 -4.44 14.58
C LEU A 82 0.59 -4.99 15.86
N LEU A 83 0.66 -6.31 16.02
CA LEU A 83 0.14 -6.94 17.21
C LEU A 83 1.16 -6.93 18.30
N ASP A 84 2.41 -7.21 17.93
CA ASP A 84 3.52 -7.31 18.87
C ASP A 84 4.82 -7.23 18.10
N TRP A 85 5.92 -6.99 18.79
CA TRP A 85 7.23 -7.06 18.16
C TRP A 85 8.31 -7.54 19.14
N PHE A 86 9.41 -8.07 18.61
CA PHE A 86 10.51 -8.58 19.38
C PHE A 86 11.83 -8.18 18.75
N GLU A 87 12.80 -7.88 19.59
CA GLU A 87 14.17 -7.69 19.15
C GLU A 87 14.98 -8.98 19.38
N ARG A 88 15.85 -9.28 18.43
CA ARG A 88 16.81 -10.36 18.51
C ARG A 88 18.21 -9.78 18.33
N PRO A 89 19.25 -10.63 18.47
CA PRO A 89 20.60 -10.07 18.29
C PRO A 89 20.82 -9.41 16.92
N ASP A 90 20.38 -10.03 15.82
CA ASP A 90 20.59 -9.48 14.47
C ASP A 90 19.34 -9.13 13.66
N SER A 91 18.18 -9.36 14.21
CA SER A 91 16.95 -9.12 13.48
C SER A 91 15.90 -8.52 14.42
N PHE A 92 14.88 -7.88 13.83
CA PHE A 92 13.59 -7.62 14.51
C PHE A 92 12.52 -8.53 13.99
N VAL A 93 11.56 -8.84 14.84
CA VAL A 93 10.44 -9.69 14.46
C VAL A 93 9.15 -8.96 14.76
N LEU A 94 8.31 -8.81 13.77
CA LEU A 94 7.05 -8.11 13.89
C LEU A 94 5.92 -9.09 13.72
N ILE A 95 4.94 -9.03 14.62
CA ILE A 95 3.74 -9.82 14.52
C ILE A 95 2.64 -8.92 13.98
N LEU A 96 1.93 -9.40 12.97
CA LEU A 96 0.96 -8.61 12.22
C LEU A 96 -0.31 -9.41 12.05
N GLU A 97 -1.46 -8.72 11.96
CA GLU A 97 -2.71 -9.33 11.44
C GLU A 97 -2.46 -10.18 10.20
N ARG A 98 -3.11 -11.33 10.15
CA ARG A 98 -3.23 -12.11 8.91
C ARG A 98 -4.68 -12.40 8.64
N PRO A 99 -5.24 -11.82 7.57
CA PRO A 99 -6.61 -12.15 7.18
C PRO A 99 -6.64 -13.51 6.52
N GLU A 100 -7.81 -14.13 6.53
CA GLU A 100 -7.92 -15.52 6.11
C GLU A 100 -9.33 -15.84 5.64
N PRO A 101 -9.54 -16.25 4.38
CA PRO A 101 -8.54 -16.30 3.31
C PRO A 101 -8.14 -14.90 2.80
N VAL A 102 -6.98 -14.85 2.14
CA VAL A 102 -6.35 -13.62 1.68
C VAL A 102 -5.56 -13.79 0.37
N GLN A 103 -5.53 -12.74 -0.45
CA GLN A 103 -4.72 -12.71 -1.67
C GLN A 103 -4.28 -11.27 -1.88
N ASP A 104 -3.02 -11.05 -2.26
CA ASP A 104 -2.61 -9.68 -2.51
C ASP A 104 -3.04 -9.25 -3.91
N LEU A 105 -3.03 -7.94 -4.12
CA LEU A 105 -3.60 -7.37 -5.32
C LEU A 105 -2.75 -7.66 -6.55
N PHE A 106 -1.45 -7.74 -6.37
CA PHE A 106 -0.54 -8.20 -7.42
C PHE A 106 -0.93 -9.55 -7.98
N ASP A 107 -1.08 -10.53 -7.09
CA ASP A 107 -1.48 -11.88 -7.50
C ASP A 107 -2.89 -11.87 -8.02
N PHE A 108 -3.75 -11.08 -7.41
CA PHE A 108 -5.14 -11.00 -7.85
C PHE A 108 -5.19 -10.50 -9.29
N ILE A 109 -4.49 -9.42 -9.60
CA ILE A 109 -4.43 -8.88 -10.95
C ILE A 109 -3.63 -9.77 -11.93
N THR A 110 -2.51 -10.33 -11.50
CA THR A 110 -1.80 -11.28 -12.35
C THR A 110 -2.75 -12.40 -12.81
N GLU A 111 -3.59 -12.92 -11.91
CA GLU A 111 -4.57 -13.97 -12.24
C GLU A 111 -5.81 -13.58 -13.07
N ARG A 112 -6.51 -12.52 -12.66
CA ARG A 112 -7.79 -12.14 -13.27
C ARG A 112 -7.69 -11.08 -14.36
N GLY A 113 -6.49 -10.53 -14.55
CA GLY A 113 -6.27 -9.49 -15.55
C GLY A 113 -6.84 -8.15 -15.09
N ALA A 114 -7.08 -7.27 -16.05
CA ALA A 114 -7.75 -6.00 -15.79
C ALA A 114 -9.07 -6.22 -15.08
N LEU A 115 -9.43 -5.29 -14.22
CA LEU A 115 -10.57 -5.37 -13.32
C LEU A 115 -11.70 -4.53 -13.83
N GLN A 116 -12.91 -5.04 -13.68
CA GLN A 116 -14.11 -4.30 -14.01
C GLN A 116 -14.11 -3.04 -13.20
N GLU A 117 -14.60 -1.97 -13.77
CA GLU A 117 -14.54 -0.65 -13.08
C GLU A 117 -15.19 -0.66 -11.70
N GLU A 118 -16.34 -1.30 -11.59
CA GLU A 118 -17.08 -1.33 -10.34
C GLU A 118 -16.19 -1.87 -9.22
N LEU A 119 -15.45 -2.90 -9.55
CA LEU A 119 -14.51 -3.49 -8.61
C LEU A 119 -13.28 -2.60 -8.34
N ALA A 120 -12.68 -2.06 -9.39
CA ALA A 120 -11.55 -1.12 -9.22
C ALA A 120 -11.97 0.04 -8.31
N ARG A 121 -13.19 0.52 -8.54
CA ARG A 121 -13.75 1.64 -7.80
C ARG A 121 -13.84 1.29 -6.34
N SER A 122 -14.34 0.10 -6.04
CA SER A 122 -14.48 -0.33 -4.64
C SER A 122 -13.11 -0.43 -3.97
N PHE A 123 -12.17 -1.08 -4.66
CA PHE A 123 -10.82 -1.29 -4.15
C PHE A 123 -10.09 0.05 -3.97
N PHE A 124 -10.24 0.92 -4.96
CA PHE A 124 -9.52 2.17 -5.00
C PHE A 124 -9.99 3.07 -3.87
N TRP A 125 -11.30 3.11 -3.65
CA TRP A 125 -11.87 3.92 -2.58
C TRP A 125 -11.30 3.49 -1.25
N GLN A 126 -11.27 2.19 -1.01
CA GLN A 126 -10.77 1.67 0.25
C GLN A 126 -9.32 2.00 0.48
N VAL A 127 -8.53 1.97 -0.59
CA VAL A 127 -7.13 2.39 -0.50
C VAL A 127 -7.08 3.85 -0.06
N LEU A 128 -7.83 4.70 -0.74
CA LEU A 128 -7.92 6.10 -0.33
C LEU A 128 -8.31 6.30 1.12
N GLU A 129 -9.30 5.57 1.61
CA GLU A 129 -9.64 5.67 3.04
C GLU A 129 -8.47 5.33 3.92
N ALA A 130 -7.71 4.34 3.53
CA ALA A 130 -6.59 3.86 4.32
C ALA A 130 -5.41 4.82 4.32
N VAL A 131 -5.14 5.41 3.16
CA VAL A 131 -4.07 6.38 3.03
C VAL A 131 -4.41 7.65 3.79
N ARG A 132 -5.67 8.11 3.67
CA ARG A 132 -6.16 9.23 4.51
C ARG A 132 -5.99 8.93 5.98
N HIS A 133 -6.35 7.72 6.39
CA HIS A 133 -6.19 7.39 7.78
C HIS A 133 -4.72 7.51 8.24
N CYS A 134 -3.81 7.00 7.42
CA CYS A 134 -2.40 7.12 7.71
C CYS A 134 -1.94 8.56 7.83
N HIS A 135 -2.33 9.40 6.86
CA HIS A 135 -1.94 10.82 6.89
C HIS A 135 -2.52 11.54 8.09
N ASN A 136 -3.75 11.23 8.40
CA ASN A 136 -4.38 11.75 9.58
C ASN A 136 -3.64 11.37 10.88
N CYS A 137 -2.95 10.22 10.90
CA CYS A 137 -2.16 9.80 12.05
C CYS A 137 -0.69 10.24 12.00
N GLY A 138 -0.33 11.07 11.02
CA GLY A 138 1.05 11.52 10.84
C GLY A 138 2.02 10.59 10.12
N VAL A 139 1.50 9.58 9.41
CA VAL A 139 2.32 8.58 8.71
C VAL A 139 2.24 8.71 7.18
N LEU A 140 3.38 8.68 6.52
CA LEU A 140 3.44 8.60 5.06
C LEU A 140 3.92 7.21 4.58
N HIS A 141 3.11 6.47 3.82
CA HIS A 141 3.51 5.10 3.38
C HIS A 141 4.74 5.02 2.46
N ARG A 142 4.72 5.75 1.34
CA ARG A 142 5.83 5.84 0.35
C ARG A 142 6.08 4.69 -0.61
N ASP A 143 5.24 3.69 -0.57
CA ASP A 143 5.35 2.51 -1.42
C ASP A 143 3.96 1.91 -1.71
N ILE A 144 3.00 2.79 -1.97
CA ILE A 144 1.66 2.35 -2.33
C ILE A 144 1.77 1.69 -3.71
N LYS A 145 1.40 0.42 -3.79
CA LYS A 145 1.38 -0.35 -5.03
C LYS A 145 0.56 -1.65 -4.84
N ASP A 146 0.31 -2.37 -5.94
CA ASP A 146 -0.43 -3.67 -5.85
C ASP A 146 0.12 -4.71 -4.84
N GLU A 147 1.44 -4.84 -4.76
CA GLU A 147 2.09 -5.82 -3.89
C GLU A 147 1.94 -5.47 -2.42
N ASN A 148 1.57 -4.22 -2.10
CA ASN A 148 1.36 -3.81 -0.72
C ASN A 148 -0.07 -3.64 -0.28
N ILE A 149 -0.99 -4.25 -1.01
CA ILE A 149 -2.41 -4.23 -0.68
C ILE A 149 -2.91 -5.67 -0.59
N LEU A 150 -3.55 -5.99 0.53
CA LEU A 150 -4.14 -7.30 0.74
C LEU A 150 -5.65 -7.21 0.63
N ILE A 151 -6.23 -8.28 0.12
CA ILE A 151 -7.66 -8.44 -0.05
C ILE A 151 -8.06 -9.58 0.86
N ASP A 152 -8.83 -9.26 1.90
CA ASP A 152 -9.59 -10.27 2.67
C ASP A 152 -10.73 -10.73 1.75
N LEU A 153 -10.59 -11.93 1.20
CA LEU A 153 -11.54 -12.44 0.20
C LEU A 153 -12.98 -12.64 0.70
N ASN A 154 -13.23 -12.80 1.99
CA ASN A 154 -14.62 -13.02 2.47
C ASN A 154 -15.38 -11.74 2.70
N ARG A 155 -14.70 -10.77 3.31
CA ARG A 155 -15.30 -9.51 3.69
C ARG A 155 -15.11 -8.41 2.62
N GLY A 156 -14.19 -8.63 1.70
CA GLY A 156 -13.98 -7.71 0.57
C GLY A 156 -13.26 -6.46 0.99
N GLU A 157 -12.38 -6.62 2.00
CA GLU A 157 -11.71 -5.52 2.66
C GLU A 157 -10.24 -5.49 2.27
N LEU A 158 -9.76 -4.32 1.91
CA LEU A 158 -8.37 -4.11 1.52
C LEU A 158 -7.62 -3.59 2.72
N LYS A 159 -6.39 -4.08 2.91
CA LYS A 159 -5.50 -3.66 3.97
C LYS A 159 -4.11 -3.31 3.41
N LEU A 160 -3.55 -2.19 3.87
CA LEU A 160 -2.23 -1.74 3.46
C LEU A 160 -1.19 -2.44 4.27
N ILE A 161 -0.10 -2.85 3.64
CA ILE A 161 1.02 -3.47 4.32
C ILE A 161 2.35 -2.85 3.90
N ASP A 162 3.37 -3.12 4.73
CA ASP A 162 4.77 -2.79 4.45
C ASP A 162 5.06 -1.29 4.55
N PHE A 163 5.19 -0.87 5.80
CA PHE A 163 5.58 0.48 6.13
C PHE A 163 7.07 0.69 6.24
N GLY A 164 7.86 -0.27 5.74
CA GLY A 164 9.31 -0.22 5.83
C GLY A 164 10.02 0.89 5.08
N SER A 165 9.39 1.46 4.05
CA SER A 165 9.89 2.68 3.35
C SER A 165 9.18 3.99 3.79
N GLY A 166 8.38 3.92 4.84
CA GLY A 166 7.54 5.04 5.24
C GLY A 166 8.29 6.09 6.03
N ALA A 167 7.66 7.23 6.23
CA ALA A 167 8.17 8.26 7.11
C ALA A 167 7.08 8.90 7.88
N LEU A 168 7.50 9.68 8.85
CA LEU A 168 6.64 10.64 9.47
C LEU A 168 6.21 11.62 8.39
N LEU A 169 4.93 11.96 8.38
CA LEU A 169 4.44 12.95 7.45
C LEU A 169 4.94 14.33 7.87
N LYS A 170 5.30 15.11 6.88
CA LYS A 170 5.78 16.45 7.11
C LYS A 170 5.45 17.27 5.87
N ASP A 171 5.56 18.59 6.02
CA ASP A 171 5.10 19.54 5.00
C ASP A 171 6.22 20.08 4.13
N THR A 172 7.45 19.80 4.53
CA THR A 172 8.64 20.16 3.78
C THR A 172 9.02 19.02 2.83
N VAL A 173 10.02 19.26 2.00
CA VAL A 173 10.41 18.34 0.95
C VAL A 173 11.11 17.08 1.48
N TYR A 174 10.93 15.96 0.79
CA TYR A 174 11.68 14.73 1.06
C TYR A 174 12.75 14.60 -0.02
N THR A 175 13.95 14.21 0.38
CA THR A 175 15.09 14.02 -0.52
C THR A 175 15.69 12.62 -0.48
N ASP A 176 15.03 11.69 0.21
CA ASP A 176 15.36 10.27 0.17
C ASP A 176 14.10 9.51 -0.30
N PHE A 177 14.30 8.48 -1.11
CA PHE A 177 13.19 7.60 -1.51
C PHE A 177 13.65 6.16 -1.69
N ASP A 178 12.97 5.24 -1.02
CA ASP A 178 13.32 3.84 -0.99
C ASP A 178 12.15 2.95 -1.38
N GLY A 179 11.24 3.49 -2.18
CA GLY A 179 10.10 2.72 -2.67
C GLY A 179 10.38 2.21 -4.06
N THR A 180 9.31 1.99 -4.83
CA THR A 180 9.38 1.33 -6.13
C THR A 180 9.49 2.38 -7.23
N ARG A 181 10.48 2.22 -8.12
CA ARG A 181 10.82 3.24 -9.12
C ARG A 181 9.65 3.59 -10.06
N VAL A 182 9.08 2.57 -10.68
CA VAL A 182 7.95 2.72 -11.62
C VAL A 182 6.67 3.35 -11.00
N TYR A 183 6.53 3.27 -9.67
CA TYR A 183 5.51 4.05 -8.94
C TYR A 183 5.95 5.45 -8.43
N SER A 184 7.15 5.88 -8.84
CA SER A 184 7.75 7.12 -8.28
C SER A 184 7.51 8.29 -9.22
N PRO A 185 7.24 9.44 -8.64
CA PRO A 185 6.80 10.55 -9.46
C PRO A 185 7.92 11.17 -10.26
N PRO A 186 7.57 11.91 -11.29
CA PRO A 186 8.62 12.46 -12.12
C PRO A 186 9.51 13.48 -11.38
N GLU A 187 8.98 14.18 -10.40
CA GLU A 187 9.79 15.13 -9.61
C GLU A 187 10.89 14.41 -8.84
N TRP A 188 10.67 13.16 -8.44
CA TRP A 188 11.72 12.35 -7.85
C TRP A 188 12.81 12.01 -8.88
N ILE A 189 12.37 11.55 -10.05
CA ILE A 189 13.25 11.05 -11.11
C ILE A 189 14.20 12.14 -11.62
N ARG A 190 13.67 13.34 -11.82
CA ARG A 190 14.48 14.47 -12.34
C ARG A 190 15.30 15.16 -11.23
N TYR A 191 14.69 15.50 -10.09
CA TYR A 191 15.30 16.38 -9.05
C TYR A 191 15.64 15.74 -7.71
N HIS A 192 15.24 14.49 -7.51
CA HIS A 192 15.42 13.82 -6.22
C HIS A 192 14.76 14.61 -5.09
N ARG A 193 13.60 15.21 -5.38
CA ARG A 193 12.81 15.88 -4.35
C ARG A 193 11.31 15.71 -4.60
N TYR A 194 10.55 15.58 -3.51
CA TYR A 194 9.11 15.49 -3.59
C TYR A 194 8.45 15.85 -2.26
N HIS A 195 7.16 16.15 -2.33
CA HIS A 195 6.35 16.33 -1.15
C HIS A 195 5.45 15.11 -0.99
N GLY A 196 5.15 14.76 0.26
CA GLY A 196 4.51 13.49 0.57
C GLY A 196 3.19 13.21 -0.12
N ARG A 197 2.26 14.14 0.01
CA ARG A 197 0.89 13.99 -0.46
C ARG A 197 0.81 13.94 -1.96
N SER A 198 1.47 14.87 -2.63
CA SER A 198 1.43 14.84 -4.08
C SER A 198 2.19 13.64 -4.70
N ALA A 199 3.20 13.12 -4.00
CA ALA A 199 3.86 11.92 -4.49
C ALA A 199 2.96 10.71 -4.25
N ALA A 200 2.26 10.69 -3.13
CA ALA A 200 1.29 9.65 -2.86
C ALA A 200 0.16 9.64 -3.90
N VAL A 201 -0.28 10.81 -4.31
CA VAL A 201 -1.31 10.89 -5.32
C VAL A 201 -0.80 10.36 -6.66
N TRP A 202 0.46 10.62 -6.99
CA TRP A 202 1.02 10.11 -8.24
C TRP A 202 0.95 8.59 -8.23
N SER A 203 1.34 8.00 -7.12
CA SER A 203 1.43 6.56 -7.05
C SER A 203 0.07 5.89 -7.00
N LEU A 204 -0.93 6.60 -6.47
CA LEU A 204 -2.32 6.16 -6.59
C LEU A 204 -2.80 6.20 -8.06
N GLY A 205 -2.42 7.24 -8.80
CA GLY A 205 -2.63 7.26 -10.26
C GLY A 205 -2.09 6.02 -10.95
N ILE A 206 -0.86 5.62 -10.59
CA ILE A 206 -0.27 4.41 -11.14
C ILE A 206 -1.10 3.17 -10.73
N LEU A 207 -1.45 3.10 -9.45
CA LEU A 207 -2.28 2.01 -8.95
C LEU A 207 -3.60 1.87 -9.70
N LEU A 208 -4.29 2.97 -9.92
CA LEU A 208 -5.59 2.88 -10.55
C LEU A 208 -5.46 2.38 -12.00
N TYR A 209 -4.43 2.83 -12.70
CA TYR A 209 -4.19 2.40 -14.05
C TYR A 209 -3.92 0.89 -14.04
N ASP A 210 -3.08 0.45 -13.11
CA ASP A 210 -2.82 -0.96 -12.93
C ASP A 210 -4.08 -1.79 -12.68
N MET A 211 -5.03 -1.26 -11.91
CA MET A 211 -6.26 -1.97 -11.66
C MET A 211 -7.05 -2.12 -12.94
N VAL A 212 -7.27 -1.02 -13.64
CA VAL A 212 -8.19 -1.03 -14.78
C VAL A 212 -7.56 -1.52 -16.08
N CYS A 213 -6.24 -1.62 -16.15
CA CYS A 213 -5.56 -2.16 -17.36
C CYS A 213 -4.81 -3.48 -17.14
N GLY A 214 -4.70 -3.93 -15.90
CA GLY A 214 -3.94 -5.12 -15.59
C GLY A 214 -2.43 -4.96 -15.63
N ASP A 215 -1.93 -3.74 -15.81
CA ASP A 215 -0.48 -3.50 -15.84
C ASP A 215 -0.19 -2.01 -15.65
N ILE A 216 1.05 -1.72 -15.28
CA ILE A 216 1.47 -0.37 -14.98
C ILE A 216 1.69 0.44 -16.25
N PRO A 217 1.53 1.77 -16.16
CA PRO A 217 1.58 2.54 -17.39
C PRO A 217 3.02 2.81 -17.91
N PHE A 218 4.01 2.88 -17.01
CA PHE A 218 5.35 3.36 -17.34
C PHE A 218 6.34 2.34 -16.86
N GLU A 219 7.26 2.02 -17.75
CA GLU A 219 8.22 0.97 -17.52
C GLU A 219 9.57 1.63 -17.19
N HIS A 220 10.04 2.53 -18.04
CA HIS A 220 11.30 3.24 -17.84
C HIS A 220 11.11 4.72 -17.50
N ASP A 221 12.20 5.31 -16.99
CA ASP A 221 12.27 6.73 -16.60
C ASP A 221 11.80 7.76 -17.64
N GLU A 222 12.07 7.48 -18.90
CA GLU A 222 11.80 8.41 -19.97
C GLU A 222 10.29 8.52 -20.16
N GLU A 223 9.59 7.41 -19.90
CA GLU A 223 8.14 7.37 -19.95
C GLU A 223 7.52 8.12 -18.76
N ILE A 224 8.12 7.95 -17.59
CA ILE A 224 7.67 8.63 -16.36
C ILE A 224 7.77 10.14 -16.56
N ILE A 225 8.97 10.58 -16.87
CA ILE A 225 9.25 11.99 -17.14
C ILE A 225 8.28 12.62 -18.18
N ARG A 226 7.96 11.87 -19.23
CA ARG A 226 7.04 12.34 -20.29
C ARG A 226 5.56 12.31 -19.87
N GLY A 227 5.20 11.34 -19.03
CA GLY A 227 3.88 11.31 -18.39
C GLY A 227 2.68 11.19 -19.29
N GLN A 228 2.82 10.54 -20.44
CA GLN A 228 1.73 10.36 -21.38
C GLN A 228 1.19 8.94 -21.25
N VAL A 229 -0.12 8.83 -21.13
CA VAL A 229 -0.77 7.57 -20.77
C VAL A 229 -1.49 7.02 -21.99
N PHE A 230 -1.13 5.84 -22.46
CA PHE A 230 -1.90 5.18 -23.52
C PHE A 230 -2.64 4.02 -22.92
N PHE A 231 -3.92 3.90 -23.24
CA PHE A 231 -4.76 2.83 -22.70
C PHE A 231 -4.87 1.69 -23.70
N ARG A 232 -4.47 0.48 -23.32
CA ARG A 232 -4.52 -0.73 -24.19
C ARG A 232 -5.84 -1.50 -24.06
N GLN A 233 -6.65 -1.06 -23.09
CA GLN A 233 -7.85 -1.73 -22.66
C GLN A 233 -8.96 -0.68 -22.73
N ARG A 234 -10.20 -1.13 -22.90
CA ARG A 234 -11.35 -0.23 -22.84
C ARG A 234 -11.60 0.24 -21.43
N VAL A 235 -11.59 1.55 -21.23
CA VAL A 235 -11.72 2.21 -19.92
C VAL A 235 -12.59 3.46 -20.07
N SER A 236 -13.54 3.66 -19.17
CA SER A 236 -14.48 4.76 -19.30
C SER A 236 -13.75 6.11 -19.33
N SEP A 237 -14.38 7.12 -19.91
CA SEP A 237 -13.68 8.39 -20.11
CB SEP A 237 -14.17 9.22 -21.33
OG SEP A 237 -15.50 9.05 -21.76
C SEP A 237 -13.54 9.07 -18.75
O SEP A 237 -12.56 9.78 -18.53
P SEP A 237 -16.27 8.12 -22.92
O1P SEP A 237 -17.45 8.99 -23.30
O2P SEP A 237 -16.52 6.84 -22.10
O3P SEP A 237 -15.48 7.91 -24.19
N GLU A 238 -14.45 8.81 -17.81
CA GLU A 238 -14.38 9.38 -16.46
C GLU A 238 -13.17 8.86 -15.72
N CYS A 239 -12.94 7.56 -15.85
CA CYS A 239 -11.80 6.90 -15.22
C CYS A 239 -10.45 7.36 -15.79
N GLN A 240 -10.38 7.53 -17.11
CA GLN A 240 -9.17 8.03 -17.75
C GLN A 240 -8.89 9.48 -17.31
N HIS A 241 -9.95 10.26 -17.07
CA HIS A 241 -9.77 11.64 -16.62
C HIS A 241 -9.08 11.69 -15.24
N LEU A 242 -9.60 10.90 -14.31
CA LEU A 242 -9.05 10.79 -12.97
C LEU A 242 -7.63 10.30 -13.00
N ILE A 243 -7.36 9.30 -13.83
CA ILE A 243 -6.02 8.76 -13.91
C ILE A 243 -5.04 9.83 -14.39
N ARG A 244 -5.41 10.57 -15.41
CA ARG A 244 -4.52 11.61 -15.97
C ARG A 244 -4.35 12.77 -15.01
N TRP A 245 -5.40 13.06 -14.27
CA TRP A 245 -5.31 14.05 -13.25
C TRP A 245 -4.29 13.66 -12.14
N CYS A 246 -4.35 12.44 -11.62
CA CYS A 246 -3.38 11.99 -10.61
C CYS A 246 -1.97 11.91 -11.14
N LEU A 247 -1.83 11.64 -12.43
CA LEU A 247 -0.50 11.60 -13.12
C LEU A 247 -0.10 12.91 -13.84
N ALA A 248 -0.66 14.03 -13.43
CA ALA A 248 -0.16 15.35 -13.82
C ALA A 248 1.29 15.47 -13.45
N LEU A 249 2.08 15.98 -14.40
CA LEU A 249 3.52 16.10 -14.23
C LEU A 249 3.91 17.08 -13.13
N ARG A 250 3.23 18.22 -13.10
CA ARG A 250 3.40 19.17 -12.03
C ARG A 250 2.60 18.70 -10.80
N PRO A 251 3.25 18.57 -9.64
CA PRO A 251 2.53 18.15 -8.42
C PRO A 251 1.31 19.00 -8.00
N SER A 252 1.43 20.31 -8.16
CA SER A 252 0.37 21.26 -7.84
C SER A 252 -0.87 21.10 -8.73
N ASP A 253 -0.70 20.50 -9.91
CA ASP A 253 -1.83 20.13 -10.81
C ASP A 253 -2.55 18.83 -10.45
N ARG A 254 -2.06 18.11 -9.44
CA ARG A 254 -2.65 16.87 -9.02
C ARG A 254 -3.73 17.16 -8.01
N PRO A 255 -4.70 16.24 -7.90
CA PRO A 255 -5.79 16.45 -6.98
C PRO A 255 -5.44 16.06 -5.55
N THR A 256 -6.09 16.74 -4.62
CA THR A 256 -6.10 16.35 -3.21
C THR A 256 -6.91 15.06 -3.11
N PHE A 257 -6.81 14.40 -1.97
CA PHE A 257 -7.65 13.23 -1.67
C PHE A 257 -9.11 13.60 -1.69
N GLU A 258 -9.44 14.82 -1.26
CA GLU A 258 -10.80 15.27 -1.27
C GLU A 258 -11.30 15.30 -2.70
N GLU A 259 -10.51 15.88 -3.59
CA GLU A 259 -10.92 15.96 -4.99
C GLU A 259 -10.99 14.60 -5.68
N ILE A 260 -10.11 13.66 -5.30
CA ILE A 260 -10.20 12.32 -5.84
C ILE A 260 -11.53 11.68 -5.44
N GLN A 261 -11.88 11.75 -4.16
CA GLN A 261 -13.09 11.12 -3.68
C GLN A 261 -14.38 11.80 -4.11
N ASN A 262 -14.34 13.08 -4.46
CA ASN A 262 -15.49 13.75 -5.08
C ASN A 262 -15.54 13.66 -6.61
N HIS A 263 -14.61 12.94 -7.22
CA HIS A 263 -14.56 12.85 -8.64
C HIS A 263 -15.74 11.99 -9.15
N PRO A 264 -16.33 12.33 -10.30
CA PRO A 264 -17.51 11.57 -10.79
C PRO A 264 -17.36 10.05 -10.91
N TRP A 265 -16.20 9.59 -11.35
CA TRP A 265 -15.90 8.17 -11.41
C TRP A 265 -15.97 7.45 -10.07
N MET A 266 -15.69 8.18 -9.00
CA MET A 266 -15.79 7.66 -7.64
C MET A 266 -17.20 7.64 -7.03
N GLN A 267 -18.25 8.03 -7.78
CA GLN A 267 -19.61 8.01 -7.22
C GLN A 267 -20.16 6.59 -7.14
N ASP A 268 -20.95 6.32 -6.10
CA ASP A 268 -21.71 5.06 -5.94
C ASP A 268 -20.83 3.85 -5.75
N VAL A 269 -19.87 4.00 -4.86
CA VAL A 269 -19.00 2.92 -4.48
C VAL A 269 -19.82 1.86 -3.76
N LEU A 270 -19.49 0.60 -4.03
CA LEU A 270 -20.04 -0.52 -3.31
C LEU A 270 -19.39 -0.60 -1.95
N LEU A 271 -20.10 -1.20 -1.00
CA LEU A 271 -19.53 -1.52 0.30
C LEU A 271 -18.68 -2.79 0.16
N PRO A 272 -17.71 -2.99 1.07
CA PRO A 272 -16.80 -4.13 0.90
C PRO A 272 -17.53 -5.46 0.83
N GLN A 273 -18.50 -5.65 1.72
CA GLN A 273 -19.30 -6.89 1.73
C GLN A 273 -19.99 -7.17 0.37
N GLU A 274 -20.69 -6.17 -0.19
CA GLU A 274 -21.37 -6.33 -1.50
C GLU A 274 -20.36 -6.59 -2.63
N THR A 275 -19.15 -6.03 -2.50
CA THR A 275 -18.07 -6.25 -3.45
C THR A 275 -17.55 -7.68 -3.42
N ALA A 276 -17.53 -8.29 -2.25
CA ALA A 276 -17.10 -9.68 -2.16
C ALA A 276 -18.15 -10.63 -2.79
N GLU A 277 -19.42 -10.43 -2.44
CA GLU A 277 -20.51 -11.27 -2.98
C GLU A 277 -20.53 -11.33 -4.51
N ILE A 278 -20.38 -10.16 -5.12
CA ILE A 278 -20.42 -10.02 -6.57
C ILE A 278 -19.12 -10.50 -7.21
N HIS A 279 -17.99 -9.97 -6.77
CA HIS A 279 -16.75 -10.16 -7.49
C HIS A 279 -15.79 -11.16 -6.92
N LEU A 280 -15.99 -11.60 -5.69
CA LEU A 280 -15.00 -12.46 -5.05
C LEU A 280 -15.52 -13.86 -4.67
N HIS A 281 -16.80 -14.00 -4.28
CA HIS A 281 -17.43 -15.34 -4.01
C HIS A 281 -17.72 -16.07 -5.31
C4 E2O B . 5.08 -8.03 3.23
C5 E2O B . 5.84 -7.05 3.65
C7 E2O B . 4.59 -6.72 5.68
C8 E2O B . 3.74 -7.85 5.18
C10 E2O B . 1.82 -9.15 5.77
C13 E2O B . 0.03 -11.16 5.20
C15 E2O B . 0.69 -9.43 6.73
C17 E2O B . 4.16 -10.49 1.53
C20 E2O B . 1.97 -12.83 -0.03
C21 E2O B . 3.06 -11.76 -0.37
C22 E2O B . 3.77 -11.88 -1.75
C24 E2O B . 2.24 -13.65 -2.31
C18 E2O B . 4.14 -11.78 0.72
C1 E2O B . 3.03 -10.43 2.51
N2 E2O B . 3.05 -9.56 3.70
N23 E2O B . 2.92 -12.44 -2.78
C11 E2O B . 1.97 -9.81 4.66
C3 E2O B . 3.94 -8.48 4.06
C12 E2O B . 0.97 -10.92 4.38
C19 E2O B . 1.20 -13.34 -1.23
CL1 E2O B . -1.04 -12.46 4.74
C14 E2O B . -0.16 -10.39 6.47
N6 E2O B . 5.57 -6.37 4.95
O9 E2O B . 2.70 -8.12 6.13
#